data_1G1X
#
_entry.id   1G1X
#
_cell.length_a   169.5
_cell.length_b   169.5
_cell.length_c   113.8
_cell.angle_alpha   90.0
_cell.angle_beta   90.0
_cell.angle_gamma   120.0
#
_symmetry.space_group_name_H-M   'P 65'
#
loop_
_entity.id
_entity.type
_entity.pdbx_description
1 polymer '16S RIBOSOMAL RNA'
2 polymer '16S RIBOSOMAL RNA'
3 polymer '30S RIBOSOMAL PROTEIN S6'
4 polymer '30S RIBOSOMAL PROTEIN S15'
5 polymer '30S RIBOSOMAL PROTEIN S18'
#
loop_
_entity_poly.entity_id
_entity_poly.type
_entity_poly.pdbx_seq_one_letter_code
_entity_poly.pdbx_strand_id
1 'polyribonucleotide' AAGGCGGCCGAAAGGCUAGACGGUGGGAGAGGGUGGUGGAA D,I
2 'polyribonucleotide' ACGCCGAUGGCGAAGGCAGCCACCUGGUCCACCCGUGACGCUUU E,J
3 'polypeptide(L)'
;MRRYEVNIVLNPNLDQSQLALEKEIIQRALENYGARVEKVEELGLRRLAYPIAKDPQGYFLWYQVEMPEDRVNDLARELR
IRDNVRRVMVVKSQEPFL
;
A,F
4 'polypeptide(L)'
;PITKEEKQKVIQEFARFPGDTGSTEVQVALLTLRINRLSEHLKVHKKDHHSHRGLLMMVGQRRRLLRYLQREDPERYREI
VEKLGLRG
;
B,G
5 'polypeptide(L)'
;MSTKNAKPKKEAQRRPSRKAKVKATLGEFDLRDYRNVEVLKRFLSETGKILPRRRTGLSGKEQRILAKTIKRARILGLLP
FTEKLVRK
;
C,H
#
loop_
_chem_comp.id
_chem_comp.type
_chem_comp.name
_chem_comp.formula
A RNA linking ADENOSINE-5'-MONOPHOSPHATE 'C10 H14 N5 O7 P'
C RNA linking CYTIDINE-5'-MONOPHOSPHATE 'C9 H14 N3 O8 P'
G RNA linking GUANOSINE-5'-MONOPHOSPHATE 'C10 H14 N5 O8 P'
U RNA linking URIDINE-5'-MONOPHOSPHATE 'C9 H13 N2 O9 P'
#
# COMPACT_ATOMS: atom_id res chain seq x y z
N MET E 1 4.78 8.64 -1.76
CA MET E 1 5.49 7.91 -0.67
C MET E 1 6.13 6.63 -1.12
N ARG E 2 7.29 6.31 -0.57
CA ARG E 2 7.94 5.06 -0.95
C ARG E 2 8.78 4.47 0.15
N ARG E 3 9.18 3.22 -0.04
CA ARG E 3 9.99 2.53 0.93
C ARG E 3 11.47 2.54 0.52
N TYR E 4 12.30 3.14 1.36
CA TYR E 4 13.73 3.22 1.12
C TYR E 4 14.43 2.68 2.32
N GLU E 5 15.75 2.53 2.20
CA GLU E 5 16.59 2.06 3.28
C GLU E 5 17.67 3.13 3.37
N VAL E 6 17.93 3.63 4.58
CA VAL E 6 18.89 4.71 4.71
C VAL E 6 20.39 4.46 4.82
N ASN E 7 20.84 3.59 5.70
CA ASN E 7 22.28 3.35 5.75
C ASN E 7 23.11 4.57 6.06
N ILE E 8 23.85 4.51 7.15
CA ILE E 8 24.74 5.60 7.53
C ILE E 8 25.97 5.10 8.28
N VAL E 9 27.13 5.61 7.89
CA VAL E 9 28.36 5.26 8.54
C VAL E 9 28.75 6.56 9.22
N LEU E 10 28.90 6.48 10.54
CA LEU E 10 29.23 7.63 11.33
C LEU E 10 30.59 7.40 11.99
N ASN E 11 31.33 8.49 12.17
CA ASN E 11 32.64 8.44 12.81
C ASN E 11 32.47 7.60 14.09
N PRO E 12 33.34 6.60 14.31
CA PRO E 12 33.23 5.75 15.50
C PRO E 12 33.70 6.30 16.85
N ASN E 13 34.61 7.27 16.80
CA ASN E 13 35.21 7.87 18.00
C ASN E 13 34.46 9.00 18.70
N LEU E 14 33.13 9.00 18.63
CA LEU E 14 32.36 10.06 19.30
C LEU E 14 32.08 9.63 20.73
N ASP E 15 31.25 10.40 21.43
CA ASP E 15 30.90 10.05 22.80
C ASP E 15 29.40 9.94 22.91
N GLN E 16 28.95 9.24 23.94
CA GLN E 16 27.54 9.05 24.20
C GLN E 16 26.71 10.23 23.72
N SER E 17 27.12 11.42 24.17
CA SER E 17 26.47 12.70 23.88
C SER E 17 26.61 13.22 22.42
N GLN E 18 27.81 13.10 21.85
CA GLN E 18 28.04 13.51 20.47
C GLN E 18 27.17 12.60 19.63
N LEU E 19 27.38 11.30 19.82
CA LEU E 19 26.66 10.26 19.12
C LEU E 19 25.16 10.48 19.20
N ALA E 20 24.68 10.73 20.40
CA ALA E 20 23.26 10.94 20.60
C ALA E 20 22.79 12.14 19.81
N LEU E 21 23.66 13.13 19.71
CA LEU E 21 23.31 14.34 18.97
C LEU E 21 23.13 14.05 17.48
N GLU E 22 24.17 13.48 16.88
CA GLU E 22 24.13 13.15 15.47
C GLU E 22 22.80 12.44 15.19
N LYS E 23 22.52 11.43 16.00
CA LYS E 23 21.29 10.67 15.85
C LYS E 23 20.06 11.54 16.01
N GLU E 24 20.13 12.55 16.87
CA GLU E 24 19.01 13.44 17.08
C GLU E 24 18.83 14.32 15.83
N ILE E 25 19.95 14.61 15.18
CA ILE E 25 19.98 15.42 13.95
C ILE E 25 19.33 14.64 12.84
N ILE E 26 19.85 13.44 12.62
CA ILE E 26 19.36 12.53 11.61
C ILE E 26 17.84 12.35 11.63
N GLN E 27 17.27 12.36 12.82
CA GLN E 27 15.84 12.16 12.99
C GLN E 27 14.97 13.35 12.64
N ARG E 28 15.46 14.58 12.84
CA ARG E 28 14.68 15.78 12.48
C ARG E 28 14.72 15.81 10.98
N ALA E 29 15.89 15.44 10.47
CA ALA E 29 16.10 15.38 9.05
C ALA E 29 15.02 14.46 8.57
N LEU E 30 15.19 13.18 8.88
CA LEU E 30 14.21 12.18 8.49
C LEU E 30 12.81 12.76 8.58
N GLU E 31 12.51 13.40 9.70
CA GLU E 31 11.18 13.98 9.88
C GLU E 31 10.91 15.12 8.91
N ASN E 32 11.78 16.12 8.91
CA ASN E 32 11.62 17.28 8.04
C ASN E 32 11.32 16.91 6.60
N TYR E 33 12.06 15.95 6.05
CA TYR E 33 11.81 15.56 4.67
C TYR E 33 10.67 14.58 4.53
N GLY E 34 9.74 14.65 5.48
CA GLY E 34 8.56 13.80 5.47
C GLY E 34 8.70 12.29 5.62
N ALA E 35 9.84 11.83 6.09
CA ALA E 35 10.03 10.40 6.25
C ALA E 35 9.48 9.90 7.58
N ARG E 36 8.64 8.88 7.51
CA ARG E 36 8.09 8.26 8.70
C ARG E 36 8.96 7.02 8.85
N VAL E 37 9.64 6.89 9.98
CA VAL E 37 10.52 5.74 10.18
C VAL E 37 9.79 4.44 10.54
N GLU E 38 10.00 3.40 9.75
CA GLU E 38 9.34 2.15 10.03
C GLU E 38 10.17 1.36 11.01
N LYS E 39 11.49 1.36 10.81
CA LYS E 39 12.34 0.67 11.75
C LYS E 39 13.78 1.04 11.65
N VAL E 40 14.44 1.08 12.82
CA VAL E 40 15.85 1.44 12.91
C VAL E 40 16.73 0.30 13.37
N GLU E 41 17.94 0.25 12.84
CA GLU E 41 18.88 -0.79 13.23
C GLU E 41 20.21 -0.11 13.53
N GLU E 42 20.89 -0.56 14.57
CA GLU E 42 22.14 0.08 14.95
C GLU E 42 23.20 -0.96 15.21
N LEU E 43 23.80 -1.46 14.15
CA LEU E 43 24.82 -2.48 14.28
C LEU E 43 26.10 -1.88 14.87
N GLY E 44 26.14 -0.55 14.96
CA GLY E 44 27.30 0.12 15.51
C GLY E 44 28.60 -0.28 14.83
N LEU E 45 29.71 -0.06 15.51
CA LEU E 45 31.04 -0.36 15.00
C LEU E 45 31.15 -1.67 14.21
N ARG E 46 32.03 -1.65 13.23
CA ARG E 46 32.26 -2.80 12.39
C ARG E 46 33.66 -2.66 11.82
N ARG E 47 34.38 -3.78 11.70
CA ARG E 47 35.77 -3.73 11.22
C ARG E 47 36.11 -3.06 9.87
N LEU E 48 35.13 -2.91 8.97
CA LEU E 48 35.37 -2.31 7.64
C LEU E 48 36.26 -3.21 6.73
N ALA E 49 36.75 -2.70 5.60
CA ALA E 49 37.60 -3.51 4.70
C ALA E 49 38.70 -2.70 4.01
N TYR E 50 38.59 -1.38 4.11
CA TYR E 50 39.54 -0.42 3.58
C TYR E 50 39.33 0.82 4.44
N PRO E 51 40.38 1.62 4.63
CA PRO E 51 40.24 2.82 5.47
C PRO E 51 39.28 3.91 5.01
N ILE E 52 38.37 4.26 5.90
CA ILE E 52 37.42 5.34 5.62
C ILE E 52 37.72 6.41 6.66
N ALA E 53 38.16 7.58 6.19
CA ALA E 53 38.51 8.70 7.08
C ALA E 53 39.66 8.29 8.00
N LYS E 54 40.53 7.45 7.46
CA LYS E 54 41.68 6.95 8.19
C LYS E 54 41.25 5.83 9.15
N ASP E 55 40.20 6.07 9.95
CA ASP E 55 39.73 5.06 10.88
C ASP E 55 39.45 3.76 10.11
N PRO E 56 39.88 2.62 10.67
CA PRO E 56 39.63 1.37 9.97
C PRO E 56 38.41 0.73 10.60
N GLN E 57 37.52 1.57 11.11
CA GLN E 57 36.30 1.10 11.75
C GLN E 57 35.24 2.19 11.79
N GLY E 58 33.99 1.80 11.53
CA GLY E 58 32.88 2.75 11.53
C GLY E 58 31.67 2.29 12.30
N TYR E 59 30.79 3.24 12.61
CA TYR E 59 29.59 2.99 13.37
C TYR E 59 28.43 2.97 12.40
N PHE E 60 27.84 1.80 12.18
CA PHE E 60 26.73 1.62 11.21
C PHE E 60 25.27 1.77 11.67
N LEU E 61 24.54 2.68 11.00
CA LEU E 61 23.11 2.94 11.26
C LEU E 61 22.28 2.35 10.11
N TRP E 62 21.00 2.67 10.03
CA TRP E 62 20.20 2.06 8.96
C TRP E 62 18.83 2.67 8.63
N TYR E 63 17.81 2.41 9.45
CA TYR E 63 16.46 2.94 9.26
C TYR E 63 15.74 2.57 7.95
N GLN E 64 14.49 2.16 8.08
CA GLN E 64 13.66 1.83 6.94
C GLN E 64 12.56 2.87 7.09
N VAL E 65 12.36 3.68 6.07
CA VAL E 65 11.37 4.74 6.18
C VAL E 65 10.32 4.74 5.10
N GLU E 66 9.47 5.75 5.16
CA GLU E 66 8.41 5.93 4.20
C GLU E 66 8.42 7.41 3.84
N MET E 67 8.73 7.76 2.59
CA MET E 67 8.77 9.15 2.23
C MET E 67 8.56 9.45 0.76
N PRO E 68 8.31 10.73 0.42
CA PRO E 68 8.08 11.25 -0.93
C PRO E 68 9.35 11.17 -1.78
N GLU E 69 9.36 10.24 -2.73
CA GLU E 69 10.49 10.01 -3.62
C GLU E 69 11.17 11.30 -4.07
N ASP E 70 10.41 12.37 -4.20
CA ASP E 70 10.97 13.63 -4.64
C ASP E 70 11.85 14.33 -3.64
N ARG E 71 11.88 13.83 -2.40
CA ARG E 71 12.69 14.47 -1.38
C ARG E 71 13.89 13.65 -0.93
N VAL E 72 13.94 12.41 -1.42
CA VAL E 72 15.03 11.51 -1.07
C VAL E 72 16.40 12.10 -1.37
N ASN E 73 16.52 12.80 -2.49
CA ASN E 73 17.81 13.38 -2.81
C ASN E 73 18.12 14.53 -1.88
N ASP E 74 17.11 15.34 -1.55
CA ASP E 74 17.28 16.48 -0.63
C ASP E 74 17.74 16.00 0.72
N LEU E 75 17.07 14.94 1.19
CA LEU E 75 17.36 14.33 2.47
C LEU E 75 18.82 13.88 2.54
N ALA E 76 19.23 13.07 1.58
CA ALA E 76 20.60 12.59 1.55
C ALA E 76 21.58 13.76 1.66
N ARG E 77 21.30 14.84 0.94
CA ARG E 77 22.17 16.01 0.94
C ARG E 77 22.28 16.50 2.39
N GLU E 78 21.12 16.60 3.01
CA GLU E 78 21.02 17.02 4.38
C GLU E 78 22.00 16.23 5.19
N LEU E 79 21.69 14.95 5.31
CA LEU E 79 22.48 14.01 6.09
C LEU E 79 23.97 14.01 5.84
N ARG E 80 24.39 14.38 4.64
CA ARG E 80 25.80 14.36 4.32
C ARG E 80 26.60 15.49 4.97
N ILE E 81 25.96 16.64 5.12
CA ILE E 81 26.58 17.81 5.72
C ILE E 81 27.55 17.48 6.86
N ARG E 82 26.94 17.06 7.96
CA ARG E 82 27.63 16.71 9.19
C ARG E 82 28.97 16.02 9.03
N ASP E 83 29.98 16.64 9.62
CA ASP E 83 31.34 16.13 9.56
C ASP E 83 31.53 14.73 10.15
N ASN E 84 30.55 14.22 10.88
CA ASN E 84 30.71 12.88 11.46
C ASN E 84 30.06 11.83 10.59
N VAL E 85 29.29 12.30 9.61
CA VAL E 85 28.62 11.44 8.64
C VAL E 85 29.59 11.37 7.46
N ARG E 86 30.25 10.23 7.32
CA ARG E 86 31.23 10.08 6.27
C ARG E 86 30.77 9.09 5.18
N ARG E 87 29.51 8.71 5.26
CA ARG E 87 28.94 7.82 4.26
C ARG E 87 27.43 7.69 4.46
N VAL E 88 26.66 8.05 3.43
CA VAL E 88 25.21 7.99 3.44
C VAL E 88 24.79 7.38 2.12
N MET E 89 24.02 6.31 2.18
CA MET E 89 23.53 5.64 0.97
C MET E 89 22.09 5.25 1.08
N VAL E 90 21.22 5.90 0.32
CA VAL E 90 19.80 5.58 0.34
C VAL E 90 19.47 4.65 -0.82
N VAL E 91 18.49 3.79 -0.60
CA VAL E 91 18.16 2.79 -1.59
C VAL E 91 16.69 2.43 -1.55
N LYS E 92 16.10 2.24 -2.72
CA LYS E 92 14.72 1.83 -2.79
C LYS E 92 14.63 0.45 -2.11
N SER E 93 13.71 0.29 -1.17
CA SER E 93 13.55 -1.00 -0.51
C SER E 93 13.14 -2.05 -1.53
N GLN E 94 13.47 -3.30 -1.25
CA GLN E 94 13.11 -4.39 -2.16
C GLN E 94 12.95 -5.69 -1.41
N GLU E 95 12.02 -6.52 -1.84
CA GLU E 95 11.85 -7.82 -1.19
C GLU E 95 13.16 -8.59 -1.32
N PRO E 96 13.46 -9.47 -0.35
CA PRO E 96 14.71 -10.24 -0.41
C PRO E 96 14.65 -11.25 -1.56
N PHE E 97 15.77 -11.45 -2.26
CA PHE E 97 15.80 -12.40 -3.37
C PHE E 97 16.31 -13.72 -2.85
N LEU E 98 15.42 -14.71 -2.86
CA LEU E 98 15.72 -16.06 -2.39
C LEU E 98 15.81 -16.00 -0.86
N PRO F 1 5.83 9.57 -11.23
CA PRO F 1 5.14 9.63 -12.53
C PRO F 1 3.65 9.89 -12.38
N ILE F 2 2.90 9.36 -13.32
CA ILE F 2 1.46 9.51 -13.28
C ILE F 2 0.87 8.23 -12.72
N THR F 3 0.11 8.43 -11.63
CA THR F 3 -0.53 7.37 -10.85
C THR F 3 -1.87 6.89 -11.33
N LYS F 4 -2.22 5.71 -10.83
CA LYS F 4 -3.46 5.05 -11.18
C LYS F 4 -4.67 5.83 -10.75
N GLU F 5 -4.53 6.60 -9.69
CA GLU F 5 -5.67 7.35 -9.22
C GLU F 5 -5.93 8.53 -10.13
N GLU F 6 -4.91 9.36 -10.31
CA GLU F 6 -5.09 10.52 -11.16
C GLU F 6 -5.46 10.11 -12.59
N LYS F 7 -5.14 8.87 -12.95
CA LYS F 7 -5.41 8.34 -14.27
C LYS F 7 -6.89 8.04 -14.48
N GLN F 8 -7.52 7.39 -13.49
CA GLN F 8 -8.93 7.05 -13.57
C GLN F 8 -9.74 8.32 -13.46
N LYS F 9 -9.12 9.33 -12.89
CA LYS F 9 -9.77 10.60 -12.75
C LYS F 9 -10.02 11.07 -14.18
N VAL F 10 -9.05 10.81 -15.04
CA VAL F 10 -9.16 11.20 -16.44
C VAL F 10 -10.09 10.25 -17.18
N ILE F 11 -10.10 8.99 -16.78
CA ILE F 11 -10.94 8.02 -17.44
C ILE F 11 -12.41 8.29 -17.20
N GLN F 12 -12.78 8.62 -15.97
CA GLN F 12 -14.17 8.85 -15.67
C GLN F 12 -14.72 10.08 -16.37
N GLU F 13 -13.85 11.06 -16.54
CA GLU F 13 -14.25 12.30 -17.19
C GLU F 13 -14.66 12.03 -18.65
N PHE F 14 -13.87 11.25 -19.37
CA PHE F 14 -14.15 10.99 -20.77
C PHE F 14 -14.86 9.69 -21.12
N ALA F 15 -15.00 8.80 -20.16
CA ALA F 15 -15.66 7.55 -20.48
C ALA F 15 -16.97 7.80 -21.19
N ARG F 16 -17.33 6.93 -22.15
CA ARG F 16 -18.59 7.06 -22.89
C ARG F 16 -19.76 6.49 -22.07
N PHE F 17 -19.42 5.70 -21.05
CA PHE F 17 -20.39 5.10 -20.16
C PHE F 17 -19.59 4.52 -19.01
N PRO F 18 -20.25 4.00 -17.96
CA PRO F 18 -19.41 3.44 -16.89
C PRO F 18 -18.79 2.09 -17.24
N GLY F 19 -17.47 2.03 -17.24
CA GLY F 19 -16.81 0.78 -17.58
C GLY F 19 -16.04 0.90 -18.87
N ASP F 20 -16.17 2.07 -19.48
CA ASP F 20 -15.50 2.40 -20.72
C ASP F 20 -14.10 2.84 -20.29
N THR F 21 -13.08 2.20 -20.84
CA THR F 21 -11.69 2.52 -20.48
C THR F 21 -10.79 2.64 -21.71
N GLY F 22 -11.32 2.23 -22.86
CA GLY F 22 -10.53 2.29 -24.07
C GLY F 22 -11.18 2.94 -25.28
N SER F 23 -12.23 3.73 -25.11
CA SER F 23 -12.87 4.39 -26.24
C SER F 23 -11.97 5.51 -26.75
N THR F 24 -11.99 5.76 -28.04
CA THR F 24 -11.12 6.78 -28.62
C THR F 24 -10.99 8.00 -27.69
N GLU F 25 -12.13 8.47 -27.20
CA GLU F 25 -12.18 9.61 -26.30
C GLU F 25 -11.22 9.43 -25.15
N VAL F 26 -11.46 8.39 -24.37
CA VAL F 26 -10.59 8.12 -23.24
C VAL F 26 -9.16 8.03 -23.75
N GLN F 27 -8.94 7.22 -24.78
CA GLN F 27 -7.61 7.02 -25.33
C GLN F 27 -6.90 8.32 -25.61
N VAL F 28 -7.61 9.27 -26.19
CA VAL F 28 -7.02 10.58 -26.51
C VAL F 28 -6.71 11.39 -25.27
N ALA F 29 -7.67 11.41 -24.34
CA ALA F 29 -7.52 12.18 -23.12
C ALA F 29 -6.29 11.70 -22.40
N LEU F 30 -6.22 10.40 -22.24
CA LEU F 30 -5.12 9.79 -21.54
C LEU F 30 -3.76 10.12 -22.15
N LEU F 31 -3.69 10.18 -23.48
CA LEU F 31 -2.42 10.47 -24.12
C LEU F 31 -2.11 11.93 -23.89
N THR F 32 -3.15 12.73 -23.82
CA THR F 32 -2.95 14.15 -23.63
C THR F 32 -2.30 14.30 -22.27
N LEU F 33 -2.80 13.56 -21.30
CA LEU F 33 -2.21 13.66 -19.98
C LEU F 33 -0.72 13.37 -20.11
N ARG F 34 -0.39 12.31 -20.85
CA ARG F 34 0.98 11.88 -21.05
C ARG F 34 1.80 12.89 -21.78
N ILE F 35 1.22 13.42 -22.84
CA ILE F 35 1.91 14.40 -23.63
C ILE F 35 2.25 15.53 -22.69
N ASN F 36 1.20 16.04 -22.07
CA ASN F 36 1.28 17.16 -21.15
C ASN F 36 2.37 17.07 -20.13
N ARG F 37 2.45 15.97 -19.43
CA ARG F 37 3.48 15.87 -18.41
C ARG F 37 4.87 15.63 -19.01
N LEU F 38 4.90 15.13 -20.24
CA LEU F 38 6.15 14.88 -20.91
C LEU F 38 6.73 16.21 -21.37
N SER F 39 5.86 17.08 -21.89
CA SER F 39 6.30 18.38 -22.35
C SER F 39 6.86 19.14 -21.16
N GLU F 40 6.18 19.05 -20.04
CA GLU F 40 6.67 19.73 -18.87
C GLU F 40 8.02 19.11 -18.56
N HIS F 41 8.10 17.79 -18.54
CA HIS F 41 9.38 17.15 -18.26
C HIS F 41 10.44 17.74 -19.19
N LEU F 42 10.13 17.77 -20.48
CA LEU F 42 11.08 18.28 -21.45
C LEU F 42 11.31 19.77 -21.38
N LYS F 43 10.46 20.50 -20.65
CA LYS F 43 10.62 21.95 -20.53
C LYS F 43 11.97 22.23 -19.89
N VAL F 44 12.40 21.28 -19.08
CA VAL F 44 13.69 21.31 -18.43
C VAL F 44 14.26 20.18 -19.25
N HIS F 45 15.37 19.57 -18.83
CA HIS F 45 15.90 18.45 -19.59
C HIS F 45 15.80 18.67 -21.11
N LYS F 46 16.29 19.81 -21.58
CA LYS F 46 16.24 20.11 -22.99
C LYS F 46 17.18 19.20 -23.75
N LYS F 47 17.95 18.40 -23.02
CA LYS F 47 18.92 17.51 -23.63
C LYS F 47 18.52 16.04 -23.67
N ASP F 48 17.26 15.74 -23.42
CA ASP F 48 16.78 14.36 -23.47
C ASP F 48 16.16 14.14 -24.83
N HIS F 49 16.99 14.09 -25.87
CA HIS F 49 16.50 13.89 -27.22
C HIS F 49 15.70 12.61 -27.32
N HIS F 50 16.28 11.55 -26.80
CA HIS F 50 15.63 10.26 -26.87
C HIS F 50 14.20 10.33 -26.47
N SER F 51 13.93 10.69 -25.23
CA SER F 51 12.55 10.72 -24.84
C SER F 51 11.74 11.78 -25.60
N HIS F 52 12.40 12.80 -26.17
CA HIS F 52 11.69 13.82 -26.93
C HIS F 52 11.14 13.15 -28.17
N ARG F 53 11.88 12.15 -28.65
CA ARG F 53 11.44 11.40 -29.81
C ARG F 53 10.11 10.74 -29.44
N GLY F 54 10.01 10.27 -28.20
CA GLY F 54 8.80 9.64 -27.74
C GLY F 54 7.63 10.60 -27.74
N LEU F 55 7.90 11.87 -27.44
CA LEU F 55 6.84 12.86 -27.42
C LEU F 55 6.29 12.94 -28.83
N LEU F 56 7.18 13.26 -29.76
CA LEU F 56 6.85 13.37 -31.17
C LEU F 56 5.90 12.29 -31.64
N MET F 57 6.20 11.07 -31.23
CA MET F 57 5.40 9.92 -31.63
C MET F 57 4.08 9.84 -30.90
N MET F 58 4.04 10.42 -29.70
CA MET F 58 2.82 10.46 -28.91
C MET F 58 1.89 11.45 -29.56
N VAL F 59 2.44 12.60 -29.90
CA VAL F 59 1.68 13.65 -30.55
C VAL F 59 1.11 13.18 -31.89
N GLY F 60 1.89 12.33 -32.56
CA GLY F 60 1.47 11.80 -33.84
C GLY F 60 0.35 10.82 -33.70
N GLN F 61 0.45 9.94 -32.71
CA GLN F 61 -0.61 8.97 -32.52
C GLN F 61 -1.92 9.67 -32.17
N ARG F 62 -1.82 10.70 -31.37
CA ARG F 62 -3.01 11.41 -30.97
C ARG F 62 -3.72 11.93 -32.20
N ARG F 63 -2.98 12.54 -33.11
CA ARG F 63 -3.56 13.07 -34.33
C ARG F 63 -4.30 12.00 -35.09
N ARG F 64 -3.68 10.84 -35.21
CA ARG F 64 -4.25 9.74 -35.93
C ARG F 64 -5.53 9.21 -35.31
N LEU F 65 -5.59 9.28 -33.98
CA LEU F 65 -6.78 8.84 -33.27
C LEU F 65 -7.89 9.84 -33.60
N LEU F 66 -7.57 11.12 -33.49
CA LEU F 66 -8.53 12.16 -33.78
C LEU F 66 -9.04 12.02 -35.21
N ARG F 67 -8.13 12.12 -36.17
CA ARG F 67 -8.46 12.00 -37.58
C ARG F 67 -9.42 10.84 -37.74
N TYR F 68 -9.16 9.77 -37.02
CA TYR F 68 -10.00 8.60 -37.10
C TYR F 68 -11.40 8.92 -36.64
N LEU F 69 -11.54 9.41 -35.42
CA LEU F 69 -12.87 9.72 -34.92
C LEU F 69 -13.57 10.68 -35.85
N GLN F 70 -12.96 11.83 -36.08
CA GLN F 70 -13.55 12.83 -36.95
C GLN F 70 -14.05 12.16 -38.20
N ARG F 71 -13.28 11.17 -38.67
CA ARG F 71 -13.64 10.45 -39.86
C ARG F 71 -14.81 9.54 -39.62
N GLU F 72 -14.63 8.58 -38.72
CA GLU F 72 -15.69 7.61 -38.48
C GLU F 72 -16.83 8.05 -37.59
N ASP F 73 -16.72 9.21 -36.96
CA ASP F 73 -17.82 9.71 -36.13
C ASP F 73 -17.71 11.16 -35.81
N PRO F 74 -18.04 12.01 -36.78
CA PRO F 74 -17.98 13.46 -36.65
C PRO F 74 -18.65 13.85 -35.35
N GLU F 75 -19.69 13.09 -34.99
CA GLU F 75 -20.47 13.34 -33.79
C GLU F 75 -19.62 13.41 -32.55
N ARG F 76 -18.80 12.40 -32.35
CA ARG F 76 -17.94 12.36 -31.17
C ARG F 76 -16.71 13.26 -31.24
N TYR F 77 -16.10 13.38 -32.41
CA TYR F 77 -14.92 14.24 -32.57
C TYR F 77 -15.28 15.65 -32.08
N ARG F 78 -16.56 16.00 -32.23
CA ARG F 78 -17.09 17.30 -31.82
C ARG F 78 -16.69 17.68 -30.40
N GLU F 79 -17.45 17.15 -29.47
CA GLU F 79 -17.22 17.40 -28.05
C GLU F 79 -15.76 17.26 -27.68
N ILE F 80 -15.23 16.07 -27.94
CA ILE F 80 -13.86 15.73 -27.58
C ILE F 80 -12.87 16.81 -27.92
N VAL F 81 -12.82 17.23 -29.18
CA VAL F 81 -11.86 18.29 -29.57
C VAL F 81 -12.02 19.44 -28.60
N GLU F 82 -13.27 19.74 -28.29
CA GLU F 82 -13.56 20.84 -27.41
C GLU F 82 -13.21 20.55 -25.95
N LYS F 83 -13.91 19.60 -25.32
CA LYS F 83 -13.63 19.28 -23.94
C LYS F 83 -12.14 19.17 -23.63
N LEU F 84 -11.32 18.82 -24.62
CA LEU F 84 -9.88 18.70 -24.38
C LEU F 84 -9.16 19.99 -24.65
N GLY F 85 -9.94 21.01 -25.02
CA GLY F 85 -9.36 22.29 -25.32
C GLY F 85 -8.21 22.09 -26.29
N LEU F 86 -8.36 21.06 -27.13
CA LEU F 86 -7.37 20.73 -28.12
C LEU F 86 -7.73 21.34 -29.46
N ARG F 87 -6.76 21.28 -30.38
CA ARG F 87 -6.89 21.83 -31.71
C ARG F 87 -6.51 23.33 -31.63
N GLY F 88 -7.43 24.20 -32.07
CA GLY F 88 -7.26 25.65 -32.04
C GLY F 88 -8.64 26.27 -32.22
N ASP G 30 19.49 -14.43 1.00
CA ASP G 30 19.02 -13.27 0.26
C ASP G 30 20.14 -12.61 -0.53
N LEU G 31 20.17 -12.87 -1.84
CA LEU G 31 21.18 -12.31 -2.75
C LEU G 31 21.14 -10.78 -2.83
N ARG G 32 20.15 -10.17 -2.17
CA ARG G 32 20.00 -8.71 -2.14
C ARG G 32 20.54 -8.03 -0.88
N ASP G 33 20.51 -8.72 0.26
CA ASP G 33 21.01 -8.14 1.51
C ASP G 33 22.48 -7.76 1.50
N TYR G 34 22.73 -6.50 1.17
CA TYR G 34 24.07 -5.95 1.07
C TYR G 34 24.84 -5.70 2.36
N ARG G 35 24.54 -6.43 3.41
CA ARG G 35 25.27 -6.21 4.66
C ARG G 35 25.71 -7.55 5.21
N ASN G 36 25.37 -8.63 4.53
CA ASN G 36 25.76 -9.93 5.04
C ASN G 36 27.16 -10.27 4.62
N VAL G 37 28.11 -9.49 5.11
CA VAL G 37 29.53 -9.70 4.83
C VAL G 37 29.81 -11.19 5.00
N GLU G 38 29.25 -11.72 6.07
CA GLU G 38 29.41 -13.12 6.41
C GLU G 38 29.31 -13.93 5.13
N VAL G 39 28.11 -13.96 4.54
CA VAL G 39 27.87 -14.72 3.31
C VAL G 39 28.53 -14.14 2.08
N LEU G 40 28.31 -12.85 1.85
CA LEU G 40 28.87 -12.16 0.68
C LEU G 40 30.38 -12.41 0.58
N LYS G 41 31.04 -12.34 1.74
CA LYS G 41 32.48 -12.58 1.84
C LYS G 41 32.83 -13.71 0.85
N ARG G 42 32.13 -14.84 1.04
CA ARG G 42 32.29 -16.07 0.25
C ARG G 42 32.58 -15.93 -1.24
N PHE G 43 31.78 -15.14 -1.94
CA PHE G 43 31.94 -14.96 -3.38
C PHE G 43 33.07 -14.01 -3.83
N LEU G 44 33.90 -13.55 -2.91
CA LEU G 44 35.01 -12.69 -3.32
C LEU G 44 36.27 -13.54 -3.36
N ILE G 50 35.20 -10.22 -7.69
CA ILE G 50 33.99 -10.98 -7.88
C ILE G 50 34.20 -12.29 -8.64
N LEU G 51 34.01 -13.41 -7.97
CA LEU G 51 34.19 -14.71 -8.62
C LEU G 51 33.21 -14.93 -9.79
N PRO G 52 33.74 -15.38 -10.95
CA PRO G 52 32.98 -15.65 -12.19
C PRO G 52 32.08 -16.85 -11.96
N ARG G 53 30.90 -16.87 -12.58
CA ARG G 53 29.97 -18.00 -12.40
C ARG G 53 30.62 -19.34 -12.76
N THR G 56 31.56 -19.60 -8.25
CA THR G 56 30.28 -19.23 -7.68
C THR G 56 29.20 -19.97 -8.42
N GLY G 57 28.65 -20.98 -7.74
CA GLY G 57 27.61 -21.76 -8.38
C GLY G 57 26.43 -20.90 -8.84
N LEU G 58 26.57 -19.57 -8.80
CA LEU G 58 25.46 -18.71 -9.22
C LEU G 58 25.07 -18.84 -10.68
N SER G 59 23.79 -18.59 -10.93
CA SER G 59 23.21 -18.66 -12.26
C SER G 59 23.35 -17.29 -12.94
N GLY G 60 22.99 -17.23 -14.22
CA GLY G 60 23.07 -15.97 -14.93
C GLY G 60 22.21 -14.93 -14.23
N LYS G 61 21.03 -15.31 -13.77
CA LYS G 61 20.21 -14.32 -13.11
C LYS G 61 20.58 -14.04 -11.66
N GLU G 62 21.03 -15.06 -10.96
CA GLU G 62 21.43 -14.85 -9.57
C GLU G 62 22.61 -13.89 -9.57
N GLN G 63 23.66 -14.26 -10.31
CA GLN G 63 24.84 -13.40 -10.43
C GLN G 63 24.28 -12.01 -10.75
N ARG G 64 25.15 -11.06 -11.05
CA ARG G 64 24.65 -9.73 -11.38
C ARG G 64 23.89 -9.16 -10.18
N ILE G 65 22.79 -9.80 -9.82
CA ILE G 65 22.03 -9.33 -8.66
C ILE G 65 23.06 -9.32 -7.54
N LEU G 66 23.77 -10.45 -7.46
CA LEU G 66 24.82 -10.60 -6.48
C LEU G 66 25.63 -9.33 -6.61
N ALA G 67 26.43 -9.32 -7.67
CA ALA G 67 27.31 -8.23 -8.03
C ALA G 67 26.88 -6.83 -7.58
N LYS G 68 25.60 -6.49 -7.74
CA LYS G 68 25.18 -5.17 -7.34
C LYS G 68 25.18 -5.09 -5.83
N THR G 69 24.77 -6.17 -5.18
CA THR G 69 24.79 -6.21 -3.73
C THR G 69 26.24 -5.96 -3.38
N ILE G 70 27.11 -6.87 -3.80
CA ILE G 70 28.55 -6.80 -3.56
C ILE G 70 29.16 -5.41 -3.79
N LYS G 71 28.68 -4.72 -4.83
CA LYS G 71 29.15 -3.38 -5.18
C LYS G 71 28.57 -2.28 -4.25
N ARG G 72 27.52 -2.65 -3.53
CA ARG G 72 26.86 -1.74 -2.59
C ARG G 72 27.58 -1.91 -1.28
N ALA G 73 27.83 -3.17 -0.93
CA ALA G 73 28.54 -3.46 0.31
C ALA G 73 29.86 -2.69 0.27
N ARG G 74 30.60 -2.87 -0.81
CA ARG G 74 31.89 -2.21 -0.97
C ARG G 74 31.89 -0.74 -0.62
N ILE G 75 30.93 0.00 -1.16
CA ILE G 75 30.87 1.41 -0.89
C ILE G 75 30.73 1.65 0.59
N LEU G 76 29.92 0.81 1.22
CA LEU G 76 29.71 0.94 2.65
C LEU G 76 31.04 0.64 3.36
N GLY G 77 32.02 0.19 2.58
CA GLY G 77 33.29 -0.15 3.15
C GLY G 77 33.18 -1.52 3.77
N LEU G 78 32.01 -2.15 3.65
CA LEU G 78 31.83 -3.49 4.21
C LEU G 78 32.74 -4.45 3.49
N LEU G 79 32.66 -4.46 2.17
CA LEU G 79 33.53 -5.34 1.41
C LEU G 79 34.63 -4.49 0.81
N PRO G 80 35.71 -5.14 0.35
CA PRO G 80 36.90 -4.55 -0.28
C PRO G 80 36.88 -4.54 -1.80
N PHE G 81 37.44 -3.48 -2.36
CA PHE G 81 37.50 -3.38 -3.80
C PHE G 81 38.64 -4.30 -4.22
N THR G 82 39.80 -4.15 -3.57
CA THR G 82 40.95 -4.98 -3.89
C THR G 82 41.81 -5.39 -2.70
N MET H 1 -8.93 3.03 2.70
CA MET H 1 -8.81 2.20 1.46
C MET H 1 -8.32 0.80 1.78
N ARG H 2 -9.15 -0.20 1.46
CA ARG H 2 -8.78 -1.59 1.68
C ARG H 2 -9.07 -2.33 0.37
N ARG H 3 -8.51 -3.53 0.20
CA ARG H 3 -8.76 -4.27 -1.04
C ARG H 3 -9.91 -5.23 -0.77
N TYR H 4 -10.76 -5.45 -1.76
CA TYR H 4 -11.90 -6.34 -1.58
C TYR H 4 -12.19 -7.12 -2.84
N GLU H 5 -13.14 -8.03 -2.74
CA GLU H 5 -13.57 -8.83 -3.86
C GLU H 5 -15.09 -8.84 -3.86
N VAL H 6 -15.67 -8.20 -4.86
CA VAL H 6 -17.14 -8.10 -4.97
C VAL H 6 -17.78 -9.13 -5.90
N ASN H 7 -18.27 -10.23 -5.31
CA ASN H 7 -18.91 -11.29 -6.06
C ASN H 7 -20.34 -10.90 -6.32
N ILE H 8 -20.86 -11.19 -7.51
CA ILE H 8 -22.24 -10.88 -7.83
C ILE H 8 -22.84 -12.03 -8.63
N VAL H 9 -24.12 -12.28 -8.44
CA VAL H 9 -24.78 -13.34 -9.17
C VAL H 9 -26.03 -12.74 -9.78
N LEU H 10 -26.00 -12.56 -11.09
CA LEU H 10 -27.10 -11.95 -11.78
C LEU H 10 -28.11 -12.90 -12.35
N ASN H 11 -29.32 -12.36 -12.52
CA ASN H 11 -30.42 -13.06 -13.12
C ASN H 11 -29.88 -13.50 -14.50
N PRO H 12 -29.80 -14.82 -14.74
CA PRO H 12 -29.27 -15.26 -16.04
C PRO H 12 -30.00 -14.65 -17.25
N ASN H 13 -30.99 -15.40 -17.70
CA ASN H 13 -31.86 -15.03 -18.79
C ASN H 13 -32.01 -13.52 -18.75
N LEU H 14 -31.70 -12.86 -19.87
CA LEU H 14 -31.77 -11.39 -20.00
C LEU H 14 -31.02 -11.00 -21.30
N ASP H 15 -31.59 -10.05 -22.04
CA ASP H 15 -30.96 -9.67 -23.29
C ASP H 15 -29.73 -8.79 -23.14
N GLN H 16 -28.82 -8.99 -24.07
CA GLN H 16 -27.59 -8.26 -24.10
C GLN H 16 -27.83 -6.77 -23.83
N SER H 17 -29.00 -6.25 -24.22
CA SER H 17 -29.30 -4.83 -24.01
C SER H 17 -29.26 -4.49 -22.52
N GLN H 18 -29.89 -5.37 -21.75
CA GLN H 18 -30.02 -5.26 -20.29
C GLN H 18 -28.74 -5.62 -19.54
N LEU H 19 -28.10 -6.71 -19.96
CA LEU H 19 -26.89 -7.14 -19.29
C LEU H 19 -25.94 -5.96 -19.23
N ALA H 20 -26.01 -5.12 -20.26
CA ALA H 20 -25.13 -3.97 -20.33
C ALA H 20 -25.43 -2.94 -19.27
N LEU H 21 -26.71 -2.57 -19.14
CA LEU H 21 -27.17 -1.57 -18.17
C LEU H 21 -26.86 -1.98 -16.74
N GLU H 22 -26.94 -3.27 -16.47
CA GLU H 22 -26.63 -3.80 -15.16
C GLU H 22 -25.23 -3.34 -14.89
N LYS H 23 -24.32 -3.87 -15.72
CA LYS H 23 -22.91 -3.58 -15.65
C LYS H 23 -22.59 -2.11 -15.37
N GLU H 24 -23.31 -1.21 -16.03
CA GLU H 24 -23.08 0.22 -15.86
C GLU H 24 -23.72 0.67 -14.56
N ILE H 25 -24.76 -0.06 -14.16
CA ILE H 25 -25.43 0.23 -12.89
C ILE H 25 -24.35 -0.14 -11.86
N ILE H 26 -23.84 -1.35 -11.99
CA ILE H 26 -22.80 -1.83 -11.10
C ILE H 26 -21.63 -0.86 -11.04
N GLN H 27 -21.01 -0.63 -12.19
CA GLN H 27 -19.86 0.26 -12.29
C GLN H 27 -20.06 1.69 -11.78
N ARG H 28 -21.25 2.26 -11.98
CA ARG H 28 -21.50 3.63 -11.54
C ARG H 28 -21.52 3.69 -10.02
N ALA H 29 -22.05 2.62 -9.44
CA ALA H 29 -22.15 2.48 -8.00
C ALA H 29 -20.72 2.36 -7.49
N LEU H 30 -19.98 1.44 -8.11
CA LEU H 30 -18.61 1.19 -7.76
C LEU H 30 -17.89 2.54 -7.65
N GLU H 31 -17.94 3.33 -8.71
CA GLU H 31 -17.28 4.64 -8.70
C GLU H 31 -18.05 5.68 -7.90
N ASN H 32 -19.34 5.47 -7.72
CA ASN H 32 -20.09 6.44 -6.92
C ASN H 32 -19.61 6.26 -5.48
N TYR H 33 -19.41 5.01 -5.08
CA TYR H 33 -18.93 4.70 -3.74
C TYR H 33 -17.41 4.69 -3.70
N GLY H 34 -16.79 5.58 -4.46
CA GLY H 34 -15.34 5.69 -4.52
C GLY H 34 -14.47 4.46 -4.68
N ALA H 35 -15.04 3.36 -5.16
CA ALA H 35 -14.26 2.14 -5.32
C ALA H 35 -13.51 2.05 -6.63
N ARG H 36 -12.19 2.09 -6.59
CA ARG H 36 -11.39 1.96 -7.80
C ARG H 36 -11.30 0.50 -8.27
N VAL H 37 -12.01 0.15 -9.33
CA VAL H 37 -11.99 -1.22 -9.82
C VAL H 37 -10.60 -1.66 -10.31
N GLU H 38 -10.05 -2.64 -9.61
CA GLU H 38 -8.73 -3.17 -9.93
C GLU H 38 -8.73 -4.17 -11.06
N LYS H 39 -9.50 -5.24 -10.93
CA LYS H 39 -9.52 -6.21 -11.99
C LYS H 39 -10.82 -7.01 -12.11
N VAL H 40 -11.67 -6.55 -13.02
CA VAL H 40 -12.95 -7.19 -13.31
C VAL H 40 -12.77 -8.67 -13.69
N GLU H 41 -13.87 -9.32 -14.06
CA GLU H 41 -13.86 -10.72 -14.47
C GLU H 41 -15.32 -11.13 -14.64
N GLU H 42 -15.62 -11.94 -15.66
CA GLU H 42 -17.01 -12.27 -15.93
C GLU H 42 -17.37 -13.73 -16.12
N LEU H 43 -16.79 -14.62 -15.31
CA LEU H 43 -17.08 -16.06 -15.40
C LEU H 43 -18.47 -16.44 -15.93
N GLY H 44 -19.43 -15.55 -15.76
CA GLY H 44 -20.78 -15.80 -16.24
C GLY H 44 -21.41 -17.14 -15.86
N LEU H 45 -22.61 -17.39 -16.39
CA LEU H 45 -23.39 -18.61 -16.12
C LEU H 45 -22.55 -19.84 -15.74
N ARG H 46 -22.96 -20.57 -14.70
CA ARG H 46 -22.19 -21.74 -14.29
C ARG H 46 -22.90 -23.02 -13.80
N ARG H 47 -24.05 -22.90 -13.12
CA ARG H 47 -24.78 -24.09 -12.66
C ARG H 47 -25.74 -23.96 -11.50
N LEU H 48 -25.19 -23.73 -10.30
CA LEU H 48 -25.95 -23.61 -9.04
C LEU H 48 -26.05 -25.01 -8.41
N ALA H 49 -26.06 -25.07 -7.08
CA ALA H 49 -26.16 -26.33 -6.35
C ALA H 49 -27.55 -26.49 -5.75
N TYR H 50 -28.33 -25.42 -5.89
CA TYR H 50 -29.71 -25.33 -5.45
C TYR H 50 -30.23 -24.12 -6.25
N PRO H 51 -31.49 -24.18 -6.71
CA PRO H 51 -32.01 -23.05 -7.50
C PRO H 51 -32.01 -21.80 -6.65
N ILE H 52 -32.18 -20.67 -7.31
CA ILE H 52 -32.23 -19.40 -6.62
C ILE H 52 -33.24 -18.58 -7.39
N ALA H 53 -34.26 -18.10 -6.69
CA ALA H 53 -35.33 -17.36 -7.35
C ALA H 53 -35.84 -18.37 -8.37
N LYS H 54 -35.85 -19.65 -7.97
CA LYS H 54 -36.30 -20.75 -8.81
C LYS H 54 -35.60 -20.79 -10.17
N ASP H 55 -34.44 -20.12 -10.24
CA ASP H 55 -33.68 -20.12 -11.47
C ASP H 55 -32.45 -20.94 -11.22
N PRO H 56 -32.26 -21.99 -12.02
CA PRO H 56 -31.10 -22.91 -11.92
C PRO H 56 -29.91 -22.33 -12.68
N GLN H 57 -30.11 -21.15 -13.26
CA GLN H 57 -29.07 -20.47 -14.01
C GLN H 57 -28.50 -19.36 -13.14
N GLY H 58 -27.17 -19.29 -13.05
CA GLY H 58 -26.54 -18.27 -12.25
C GLY H 58 -25.40 -17.60 -12.98
N TYR H 59 -25.50 -16.29 -13.21
CA TYR H 59 -24.47 -15.56 -13.91
C TYR H 59 -23.60 -14.78 -12.92
N PHE H 60 -22.34 -15.21 -12.74
CA PHE H 60 -21.38 -14.61 -11.81
C PHE H 60 -20.46 -13.50 -12.32
N LEU H 61 -20.15 -12.51 -11.51
CA LEU H 61 -19.29 -11.41 -11.95
C LEU H 61 -18.34 -11.07 -10.84
N TRP H 62 -17.07 -11.14 -11.13
CA TRP H 62 -16.15 -10.92 -10.06
C TRP H 62 -15.49 -9.55 -10.31
N TYR H 63 -15.19 -8.88 -9.21
CA TYR H 63 -14.56 -7.59 -9.28
C TYR H 63 -13.56 -7.43 -8.13
N GLN H 64 -12.31 -7.10 -8.42
CA GLN H 64 -11.38 -6.86 -7.32
C GLN H 64 -11.27 -5.34 -7.26
N VAL H 65 -11.49 -4.74 -6.11
CA VAL H 65 -11.44 -3.29 -6.03
C VAL H 65 -10.64 -2.82 -4.85
N GLU H 66 -10.53 -1.51 -4.78
CA GLU H 66 -9.84 -0.86 -3.72
C GLU H 66 -10.76 0.32 -3.37
N MET H 67 -11.32 0.32 -2.16
CA MET H 67 -12.23 1.39 -1.75
C MET H 67 -12.17 1.73 -0.27
N PRO H 68 -12.87 2.79 0.15
CA PRO H 68 -12.85 3.18 1.56
C PRO H 68 -13.61 2.12 2.37
N GLU H 69 -13.02 1.67 3.47
CA GLU H 69 -13.65 0.64 4.29
C GLU H 69 -15.11 0.94 4.57
N ASP H 70 -15.33 2.15 5.05
CA ASP H 70 -16.63 2.64 5.47
C ASP H 70 -17.70 2.75 4.42
N ARG H 71 -17.42 2.31 3.20
CA ARG H 71 -18.45 2.44 2.21
C ARG H 71 -18.86 1.08 1.69
N VAL H 72 -18.14 0.05 2.09
CA VAL H 72 -18.47 -1.28 1.63
C VAL H 72 -19.89 -1.66 1.92
N ASN H 73 -20.31 -1.55 3.17
CA ASN H 73 -21.66 -1.97 3.51
C ASN H 73 -22.69 -1.20 2.70
N ASP H 74 -22.44 0.09 2.50
CA ASP H 74 -23.37 0.89 1.72
C ASP H 74 -23.42 0.42 0.28
N LEU H 75 -22.26 0.28 -0.34
CA LEU H 75 -22.19 -0.19 -1.72
C LEU H 75 -22.98 -1.49 -1.87
N ALA H 76 -22.60 -2.49 -1.10
CA ALA H 76 -23.28 -3.78 -1.11
C ALA H 76 -24.77 -3.56 -1.21
N ARG H 77 -25.26 -2.67 -0.35
CA ARG H 77 -26.68 -2.32 -0.27
C ARG H 77 -27.14 -1.81 -1.63
N GLU H 78 -26.43 -0.81 -2.16
CA GLU H 78 -26.76 -0.24 -3.46
C GLU H 78 -26.94 -1.42 -4.42
N LEU H 79 -25.86 -2.17 -4.59
CA LEU H 79 -25.83 -3.33 -5.46
C LEU H 79 -27.04 -4.25 -5.37
N ARG H 80 -27.66 -4.29 -4.21
CA ARG H 80 -28.78 -5.19 -4.01
C ARG H 80 -30.13 -4.72 -4.50
N ILE H 81 -30.32 -3.40 -4.54
CA ILE H 81 -31.61 -2.86 -4.93
C ILE H 81 -32.10 -3.48 -6.22
N ARG H 82 -31.20 -3.54 -7.18
CA ARG H 82 -31.52 -4.09 -8.49
C ARG H 82 -32.13 -5.48 -8.37
N ASP H 83 -33.44 -5.54 -8.58
CA ASP H 83 -34.23 -6.77 -8.52
C ASP H 83 -33.49 -7.91 -9.19
N ASN H 84 -32.69 -7.52 -10.18
CA ASN H 84 -31.88 -8.41 -10.99
C ASN H 84 -30.65 -9.02 -10.32
N VAL H 85 -30.18 -8.37 -9.26
CA VAL H 85 -29.03 -8.84 -8.49
C VAL H 85 -29.57 -9.92 -7.54
N ARG H 86 -29.22 -11.19 -7.76
CA ARG H 86 -29.73 -12.26 -6.89
C ARG H 86 -28.93 -12.39 -5.60
N ARG H 87 -27.60 -12.32 -5.73
CA ARG H 87 -26.69 -12.42 -4.59
C ARG H 87 -25.61 -11.36 -4.72
N VAL H 88 -25.04 -10.95 -3.59
CA VAL H 88 -23.96 -9.96 -3.57
C VAL H 88 -23.11 -10.29 -2.36
N MET H 89 -21.91 -10.78 -2.57
CA MET H 89 -21.03 -11.09 -1.46
C MET H 89 -19.70 -10.37 -1.62
N VAL H 90 -19.51 -9.29 -0.88
CA VAL H 90 -18.28 -8.50 -0.95
C VAL H 90 -17.26 -8.92 0.09
N VAL H 91 -16.58 -10.02 -0.16
CA VAL H 91 -15.58 -10.51 0.75
C VAL H 91 -14.35 -9.60 0.74
N LYS H 92 -13.49 -9.72 1.75
CA LYS H 92 -12.29 -8.91 1.89
C LYS H 92 -11.02 -9.68 1.47
N SER H 93 -10.05 -8.95 0.96
CA SER H 93 -8.75 -9.45 0.48
C SER H 93 -8.15 -10.65 1.21
N GLN H 94 -7.13 -11.25 0.61
CA GLN H 94 -6.43 -12.40 1.20
C GLN H 94 -5.52 -13.11 0.22
N GLU H 95 -4.23 -13.16 0.56
CA GLU H 95 -3.28 -13.86 -0.28
C GLU H 95 -3.70 -15.32 -0.30
N PRO H 96 -3.49 -16.01 -1.42
CA PRO H 96 -3.88 -17.42 -1.49
C PRO H 96 -3.15 -18.18 -0.40
N PHE H 97 -3.77 -19.25 0.10
CA PHE H 97 -3.18 -20.08 1.15
C PHE H 97 -2.79 -21.44 0.60
N LEU H 98 -1.49 -21.75 0.68
CA LEU H 98 -0.97 -23.04 0.19
C LEU H 98 -1.02 -23.04 -1.33
N PRO I 1 -12.38 4.53 13.64
CA PRO I 1 -11.82 3.54 12.66
C PRO I 1 -10.28 3.64 12.67
N ILE I 2 -9.89 4.90 12.55
CA ILE I 2 -8.52 5.41 12.49
C ILE I 2 -7.38 4.81 13.33
N THR I 3 -6.27 5.56 13.29
CA THR I 3 -5.00 5.27 13.97
C THR I 3 -4.06 4.55 13.00
N LYS I 4 -3.11 5.32 12.43
CA LYS I 4 -2.16 4.76 11.46
C LYS I 4 -1.16 5.80 10.97
N GLU I 5 -1.68 7.01 10.71
CA GLU I 5 -0.85 8.12 10.23
C GLU I 5 -0.96 9.26 11.23
N GLU I 6 -2.13 9.38 11.85
CA GLU I 6 -2.34 10.42 12.84
C GLU I 6 -1.49 10.09 14.07
N LYS I 7 -1.11 8.82 14.17
CA LYS I 7 -0.28 8.40 15.28
C LYS I 7 0.98 9.22 15.15
N GLN I 8 1.72 8.92 14.08
CA GLN I 8 2.96 9.61 13.79
C GLN I 8 2.88 11.10 14.10
N LYS I 9 1.69 11.67 13.94
CA LYS I 9 1.49 13.08 14.22
C LYS I 9 1.54 13.32 15.73
N VAL I 10 0.54 12.80 16.43
CA VAL I 10 0.46 12.93 17.89
C VAL I 10 1.84 12.67 18.45
N ILE I 11 2.48 11.65 17.92
CA ILE I 11 3.80 11.28 18.38
C ILE I 11 4.77 12.44 18.25
N GLN I 12 5.05 12.83 17.00
CA GLN I 12 6.00 13.90 16.78
C GLN I 12 5.57 15.15 17.54
N GLU I 13 4.30 15.21 17.88
CA GLU I 13 3.77 16.34 18.60
C GLU I 13 4.24 16.31 20.05
N PHE I 14 4.37 15.12 20.64
CA PHE I 14 4.80 15.04 22.04
C PHE I 14 6.20 14.48 22.30
N ALA I 15 6.87 14.02 21.25
CA ALA I 15 8.21 13.48 21.38
C ALA I 15 9.08 14.49 22.11
N ARG I 16 9.71 14.08 23.20
CA ARG I 16 10.55 15.01 23.94
C ARG I 16 11.84 15.28 23.16
N PHE I 17 11.95 14.68 21.97
CA PHE I 17 13.13 14.85 21.13
C PHE I 17 13.02 14.00 19.87
N PRO I 18 13.89 14.24 18.88
CA PRO I 18 13.83 13.44 17.65
C PRO I 18 14.21 11.98 17.83
N GLY I 19 13.21 11.11 17.82
CA GLY I 19 13.44 9.68 17.97
C GLY I 19 12.76 9.05 19.18
N ASP I 20 12.18 9.89 20.03
CA ASP I 20 11.48 9.42 21.22
C ASP I 20 10.08 8.97 20.86
N THR I 21 9.82 7.68 21.01
CA THR I 21 8.50 7.14 20.69
C THR I 21 7.76 6.64 21.93
N GLY I 22 8.46 6.55 23.05
CA GLY I 22 7.83 6.05 24.26
C GLY I 22 8.02 6.81 25.55
N SER I 23 8.33 8.09 25.48
CA SER I 23 8.51 8.86 26.69
C SER I 23 7.17 8.80 27.38
N THR I 24 7.12 9.23 28.64
CA THR I 24 5.87 9.22 29.36
C THR I 24 4.87 10.06 28.60
N GLU I 25 5.21 11.31 28.35
CA GLU I 25 4.30 12.22 27.64
C GLU I 25 3.73 11.63 26.36
N VAL I 26 4.57 10.92 25.62
CA VAL I 26 4.10 10.34 24.38
C VAL I 26 3.09 9.25 24.73
N GLN I 27 3.48 8.34 25.60
CA GLN I 27 2.60 7.28 26.00
C GLN I 27 1.24 7.80 26.40
N VAL I 28 1.21 8.88 27.17
CA VAL I 28 -0.04 9.44 27.65
C VAL I 28 -0.83 10.03 26.49
N ALA I 29 -0.13 10.61 25.55
CA ALA I 29 -0.80 11.23 24.43
C ALA I 29 -1.49 10.20 23.58
N LEU I 30 -0.75 9.17 23.20
CA LEU I 30 -1.29 8.11 22.38
C LEU I 30 -2.49 7.47 23.06
N LEU I 31 -2.28 7.15 24.34
CA LEU I 31 -3.30 6.54 25.15
C LEU I 31 -4.53 7.42 25.21
N THR I 32 -4.29 8.73 25.21
CA THR I 32 -5.38 9.69 25.23
C THR I 32 -6.19 9.54 23.97
N LEU I 33 -5.48 9.34 22.86
CA LEU I 33 -6.10 9.21 21.55
C LEU I 33 -7.03 8.02 21.50
N ARG I 34 -6.56 6.92 22.04
CA ARG I 34 -7.33 5.70 22.05
C ARG I 34 -8.58 5.89 22.91
N ILE I 35 -8.38 6.44 24.10
CA ILE I 35 -9.49 6.66 25.02
C ILE I 35 -10.59 7.49 24.38
N ASN I 36 -10.20 8.57 23.73
CA ASN I 36 -11.18 9.42 23.09
C ASN I 36 -11.86 8.68 21.99
N ARG I 37 -11.08 8.00 21.16
CA ARG I 37 -11.69 7.26 20.06
C ARG I 37 -12.70 6.28 20.61
N LEU I 38 -12.30 5.49 21.60
CA LEU I 38 -13.17 4.49 22.21
C LEU I 38 -14.43 5.07 22.83
N SER I 39 -14.29 6.13 23.61
CA SER I 39 -15.44 6.75 24.25
C SER I 39 -16.43 7.11 23.16
N GLU I 40 -15.90 7.58 22.05
CA GLU I 40 -16.71 7.95 20.90
C GLU I 40 -17.37 6.71 20.30
N HIS I 41 -16.71 5.58 20.44
CA HIS I 41 -17.26 4.33 19.92
C HIS I 41 -18.38 3.91 20.85
N LEU I 42 -18.15 4.08 22.14
CA LEU I 42 -19.12 3.66 23.13
C LEU I 42 -20.35 4.55 23.26
N LYS I 43 -20.31 5.73 22.67
CA LYS I 43 -21.47 6.59 22.76
C LYS I 43 -22.47 6.16 21.73
N VAL I 44 -22.00 5.38 20.79
CA VAL I 44 -22.87 4.88 19.74
C VAL I 44 -23.30 3.48 20.14
N HIS I 45 -22.31 2.64 20.37
CA HIS I 45 -22.55 1.28 20.78
C HIS I 45 -22.62 1.33 22.29
N LYS I 46 -23.78 1.72 22.79
CA LYS I 46 -23.94 1.85 24.21
C LYS I 46 -23.71 0.55 24.94
N LYS I 47 -24.26 -0.53 24.41
CA LYS I 47 -24.15 -1.83 25.06
C LYS I 47 -22.93 -2.71 24.80
N ASP I 48 -21.86 -2.13 24.29
CA ASP I 48 -20.64 -2.91 24.08
C ASP I 48 -19.92 -2.79 25.39
N HIS I 49 -20.42 -3.53 26.38
CA HIS I 49 -19.88 -3.52 27.73
C HIS I 49 -18.46 -4.02 27.87
N HIS I 50 -18.09 -4.96 27.02
CA HIS I 50 -16.76 -5.55 27.09
C HIS I 50 -15.66 -4.61 26.72
N SER I 51 -15.86 -3.88 25.62
CA SER I 51 -14.86 -2.93 25.16
C SER I 51 -14.86 -1.78 26.14
N HIS I 52 -15.99 -1.63 26.82
CA HIS I 52 -16.14 -0.60 27.83
C HIS I 52 -15.09 -0.83 28.91
N ARG I 53 -14.99 -2.07 29.36
CA ARG I 53 -14.03 -2.39 30.40
C ARG I 53 -12.66 -1.91 29.99
N GLY I 54 -12.30 -2.09 28.72
CA GLY I 54 -11.02 -1.67 28.20
C GLY I 54 -10.81 -0.18 28.27
N LEU I 55 -11.92 0.54 28.23
CA LEU I 55 -11.90 1.98 28.30
C LEU I 55 -11.47 2.31 29.72
N LEU I 56 -12.07 1.61 30.66
CA LEU I 56 -11.79 1.76 32.06
C LEU I 56 -10.32 1.47 32.36
N MET I 57 -9.84 0.36 31.80
CA MET I 57 -8.46 -0.06 31.98
C MET I 57 -7.53 1.03 31.48
N MET I 58 -7.80 1.53 30.28
CA MET I 58 -6.99 2.58 29.68
C MET I 58 -6.96 3.80 30.59
N VAL I 59 -8.14 4.32 30.93
CA VAL I 59 -8.24 5.49 31.79
C VAL I 59 -7.44 5.27 33.06
N GLY I 60 -7.43 4.02 33.51
CA GLY I 60 -6.70 3.70 34.72
C GLY I 60 -5.23 3.82 34.45
N GLN I 61 -4.75 3.13 33.43
CA GLN I 61 -3.33 3.18 33.13
C GLN I 61 -2.88 4.61 32.92
N ARG I 62 -3.75 5.45 32.39
CA ARG I 62 -3.33 6.82 32.18
C ARG I 62 -3.12 7.60 33.48
N ARG I 63 -3.91 7.33 34.51
CA ARG I 63 -3.75 8.03 35.79
C ARG I 63 -2.48 7.55 36.42
N ARG I 64 -2.22 6.26 36.26
CA ARG I 64 -1.03 5.65 36.82
C ARG I 64 0.22 6.26 36.21
N LEU I 65 0.16 6.55 34.91
CA LEU I 65 1.29 7.14 34.20
C LEU I 65 1.48 8.59 34.63
N LEU I 66 0.39 9.34 34.65
CA LEU I 66 0.47 10.73 35.03
C LEU I 66 1.08 10.79 36.42
N ARG I 67 0.42 10.14 37.37
CA ARG I 67 0.93 10.12 38.74
C ARG I 67 2.44 10.00 38.74
N TYR I 68 2.95 9.03 38.00
CA TYR I 68 4.38 8.79 37.91
C TYR I 68 5.08 10.09 37.57
N LEU I 69 4.62 10.72 36.49
CA LEU I 69 5.20 11.96 36.02
C LEU I 69 5.23 12.98 37.14
N GLN I 70 4.07 13.24 37.72
CA GLN I 70 3.93 14.22 38.79
C GLN I 70 4.95 14.08 39.92
N ARG I 71 5.25 12.85 40.31
CA ARG I 71 6.20 12.66 41.38
C ARG I 71 7.63 12.62 40.85
N GLU I 72 7.80 12.45 39.54
CA GLU I 72 9.16 12.39 38.98
C GLU I 72 9.64 13.75 38.49
N ASP I 73 8.69 14.54 38.02
CA ASP I 73 8.95 15.86 37.49
C ASP I 73 7.55 16.44 37.34
N PRO I 74 7.08 17.15 38.38
CA PRO I 74 5.75 17.78 38.43
C PRO I 74 5.60 18.87 37.38
N GLU I 75 6.75 19.34 36.93
CA GLU I 75 6.85 20.37 35.92
C GLU I 75 6.31 19.81 34.61
N ARG I 76 6.99 18.81 34.04
CA ARG I 76 6.53 18.20 32.79
C ARG I 76 5.08 17.77 33.01
N TYR I 77 4.84 17.16 34.17
CA TYR I 77 3.50 16.68 34.52
C TYR I 77 2.48 17.73 34.16
N ARG I 78 2.83 18.97 34.44
CA ARG I 78 1.91 20.05 34.17
C ARG I 78 1.74 20.38 32.69
N GLU I 79 2.87 20.68 32.04
CA GLU I 79 2.85 21.03 30.63
C GLU I 79 1.95 20.09 29.84
N ILE I 80 2.01 18.81 30.17
CA ILE I 80 1.22 17.81 29.48
C ILE I 80 -0.26 17.81 29.86
N VAL I 81 -0.57 17.88 31.15
CA VAL I 81 -1.97 17.87 31.60
C VAL I 81 -2.76 19.00 30.91
N GLU I 82 -2.22 20.22 30.92
CA GLU I 82 -2.87 21.34 30.26
C GLU I 82 -2.89 21.11 28.75
N LYS I 83 -1.70 20.94 28.17
CA LYS I 83 -1.51 20.73 26.74
C LYS I 83 -2.36 19.62 26.12
N LEU I 84 -3.09 18.88 26.94
CA LEU I 84 -3.94 17.80 26.45
C LEU I 84 -5.33 18.00 26.98
N GLY I 85 -5.45 18.96 27.91
CA GLY I 85 -6.72 19.29 28.53
C GLY I 85 -7.29 18.20 29.44
N LEU I 86 -6.69 18.03 30.63
CA LEU I 86 -7.16 16.99 31.57
C LEU I 86 -7.08 17.38 33.04
N ARG I 87 -7.62 16.49 33.88
CA ARG I 87 -7.62 16.64 35.34
C ARG I 87 -6.31 16.09 35.92
N GLY I 88 -6.11 14.79 35.71
CA GLY I 88 -4.94 14.08 36.19
C GLY I 88 -5.11 12.57 36.03
N ASP J 30 -5.31 -23.77 -3.57
CA ASP J 30 -5.68 -22.69 -2.63
C ASP J 30 -6.90 -23.05 -1.78
N LEU J 31 -6.69 -23.14 -0.46
CA LEU J 31 -7.76 -23.49 0.48
C LEU J 31 -8.74 -22.35 0.71
N ARG J 32 -8.39 -21.16 0.20
CA ARG J 32 -9.24 -19.99 0.34
C ARG J 32 -10.05 -19.71 -0.90
N ASP J 33 -9.75 -20.43 -1.98
CA ASP J 33 -10.50 -20.24 -3.20
C ASP J 33 -11.83 -20.91 -3.06
N TYR J 34 -12.85 -20.08 -2.80
CA TYR J 34 -14.23 -20.50 -2.59
C TYR J 34 -15.06 -20.70 -3.85
N ARG J 35 -14.39 -20.93 -4.98
CA ARG J 35 -15.10 -21.15 -6.23
C ARG J 35 -14.71 -22.38 -7.02
N ASN J 36 -13.60 -23.00 -6.63
CA ASN J 36 -13.11 -24.21 -7.28
C ASN J 36 -14.05 -25.33 -6.90
N VAL J 37 -15.29 -25.20 -7.36
CA VAL J 37 -16.32 -26.19 -7.12
C VAL J 37 -15.61 -27.53 -7.37
N GLU J 38 -14.94 -27.61 -8.51
CA GLU J 38 -14.17 -28.78 -8.94
C GLU J 38 -13.48 -29.52 -7.78
N VAL J 39 -12.51 -28.84 -7.14
CA VAL J 39 -11.75 -29.41 -6.03
C VAL J 39 -12.52 -29.42 -4.72
N LEU J 40 -13.14 -28.29 -4.38
CA LEU J 40 -13.91 -28.19 -3.16
C LEU J 40 -14.93 -29.32 -3.12
N LYS J 41 -15.61 -29.49 -4.25
CA LYS J 41 -16.61 -30.55 -4.40
C LYS J 41 -15.98 -31.79 -3.72
N ARG J 42 -14.69 -32.01 -3.97
CA ARG J 42 -13.98 -33.14 -3.41
C ARG J 42 -14.07 -33.38 -1.91
N PHE J 43 -14.44 -32.35 -1.15
CA PHE J 43 -14.50 -32.48 0.31
C PHE J 43 -15.87 -32.71 0.93
N LEU J 44 -16.89 -32.84 0.09
CA LEU J 44 -18.23 -33.08 0.60
C LEU J 44 -18.63 -34.56 0.53
N SER J 45 -19.25 -35.07 1.59
CA SER J 45 -19.68 -36.46 1.62
C SER J 45 -20.63 -36.73 0.45
N LYS J 49 -22.77 -32.66 3.22
CA LYS J 49 -21.91 -32.40 4.38
C LYS J 49 -20.38 -32.25 4.15
N ILE J 50 -19.72 -31.58 5.10
CA ILE J 50 -18.28 -31.35 5.05
C ILE J 50 -17.58 -32.54 5.67
N LEU J 51 -16.71 -33.21 4.91
CA LEU J 51 -15.98 -34.39 5.40
C LEU J 51 -15.04 -34.08 6.60
N PRO J 52 -15.11 -34.92 7.66
CA PRO J 52 -14.29 -34.79 8.88
C PRO J 52 -12.83 -35.20 8.63
N ARG J 53 -11.88 -34.61 9.37
CA ARG J 53 -10.43 -34.91 9.18
C ARG J 53 -10.05 -36.39 9.33
N THR J 56 -10.91 -36.51 4.84
CA THR J 56 -10.18 -35.34 4.39
C THR J 56 -8.78 -35.33 4.97
N GLY J 57 -7.80 -35.33 4.06
CA GLY J 57 -6.43 -35.34 4.52
C GLY J 57 -6.05 -34.09 5.31
N LEU J 58 -6.85 -33.03 5.20
CA LEU J 58 -6.54 -31.76 5.88
C LEU J 58 -6.06 -31.82 7.32
N SER J 59 -5.39 -30.75 7.73
CA SER J 59 -4.84 -30.63 9.08
C SER J 59 -5.77 -29.85 9.98
N GLY J 60 -5.41 -29.79 11.27
CA GLY J 60 -6.22 -29.04 12.20
C GLY J 60 -6.50 -27.71 11.54
N LYS J 61 -5.44 -26.95 11.33
CA LYS J 61 -5.57 -25.64 10.73
C LYS J 61 -6.06 -25.61 9.27
N GLU J 62 -5.67 -26.59 8.48
CA GLU J 62 -6.11 -26.62 7.09
C GLU J 62 -7.65 -26.65 7.09
N GLN J 63 -8.22 -27.65 7.79
CA GLN J 63 -9.68 -27.76 7.89
C GLN J 63 -10.09 -26.43 8.52
N ARG J 64 -11.39 -26.13 8.70
CA ARG J 64 -11.57 -24.86 9.35
C ARG J 64 -11.52 -23.73 8.32
N ILE J 65 -10.41 -23.47 7.60
CA ILE J 65 -10.15 -22.50 6.52
C ILE J 65 -10.98 -23.13 5.37
N LEU J 66 -10.85 -24.44 5.21
CA LEU J 66 -11.62 -25.15 4.22
C LEU J 66 -13.06 -24.80 4.51
N ALA J 67 -13.52 -25.26 5.68
CA ALA J 67 -14.88 -25.03 6.14
C ALA J 67 -15.47 -23.66 5.81
N LYS J 68 -14.72 -22.58 6.01
CA LYS J 68 -15.25 -21.27 5.71
C LYS J 68 -15.44 -21.08 4.20
N THR J 69 -14.52 -21.59 3.44
CA THR J 69 -14.58 -21.52 1.99
C THR J 69 -15.79 -22.32 1.52
N ILE J 70 -15.87 -23.54 2.05
CA ILE J 70 -16.96 -24.41 1.71
C ILE J 70 -18.21 -23.62 2.03
N LYS J 71 -18.19 -22.96 3.19
CA LYS J 71 -19.33 -22.17 3.65
C LYS J 71 -19.72 -21.02 2.72
N ARG J 72 -18.75 -20.36 2.10
CA ARG J 72 -19.05 -19.27 1.18
C ARG J 72 -19.50 -19.86 -0.14
N ALA J 73 -18.89 -20.99 -0.48
CA ALA J 73 -19.25 -21.68 -1.70
C ALA J 73 -20.76 -21.81 -1.59
N ARG J 74 -21.18 -22.64 -0.63
CA ARG J 74 -22.59 -22.87 -0.38
C ARG J 74 -23.48 -21.65 -0.57
N ILE J 75 -23.03 -20.49 -0.11
CA ILE J 75 -23.84 -19.28 -0.25
C ILE J 75 -23.96 -18.77 -1.68
N LEU J 76 -22.97 -19.08 -2.52
CA LEU J 76 -23.01 -18.64 -3.91
C LEU J 76 -23.64 -19.77 -4.71
N GLY J 77 -24.38 -20.61 -4.02
CA GLY J 77 -25.04 -21.74 -4.64
C GLY J 77 -24.11 -22.62 -5.45
N LEU J 78 -22.81 -22.54 -5.20
CA LEU J 78 -21.84 -23.34 -5.96
C LEU J 78 -21.66 -24.67 -5.27
N LEU J 79 -21.98 -24.72 -3.98
CA LEU J 79 -21.90 -25.94 -3.22
C LEU J 79 -23.24 -26.13 -2.56
N PRO J 80 -23.71 -27.38 -2.47
CA PRO J 80 -25.00 -27.64 -1.84
C PRO J 80 -24.91 -27.63 -0.33
N PHE J 81 -26.07 -27.57 0.30
CA PHE J 81 -26.16 -27.61 1.75
C PHE J 81 -26.35 -29.08 2.16
N THR J 82 -27.20 -29.77 1.43
CA THR J 82 -27.41 -31.19 1.70
C THR J 82 -27.86 -31.89 0.42
#